data_7X6H
#
_entry.id   7X6H
#
_cell.length_a   42.087
_cell.length_b   123.808
_cell.length_c   150.157
_cell.angle_alpha   90.000
_cell.angle_beta   90.000
_cell.angle_gamma   90.000
#
_symmetry.space_group_name_H-M   'P 21 21 21'
#
loop_
_entity.id
_entity.type
_entity.pdbx_description
1 polymer 'Quorum-sensing regulator protein G'
2 water water
#
_entity_poly.entity_id   1
_entity_poly.type   'polypeptide(L)'
_entity_poly.pdbx_seq_one_letter_code
;MGSSHHHHHHGGGSENLYFQGCSDIWALQGKSTETNPLYWLRAMDCADRLMPAQSRQQARQYDDGSWQNTFKQGILLADA
KITPYERRQLVARIEALSTEIPAQVRPLYQLWRDGQALQLQLAEERQRYSKLQQSSDSELDTLRQQHHVLQQQLELTTRK
LENLTDIERQLSTRK
;
_entity_poly.pdbx_strand_id   A,B,C,D
#
# COMPACT_ATOMS: atom_id res chain seq x y z
N CYS A 22 9.77 1.45 14.49
CA CYS A 22 8.30 1.33 14.28
C CYS A 22 7.74 0.21 15.17
N SER A 23 8.64 -0.44 15.91
CA SER A 23 8.25 -1.39 16.95
C SER A 23 8.62 -0.81 18.32
N ASP A 24 7.98 -1.34 19.37
CA ASP A 24 8.12 -0.85 20.74
C ASP A 24 7.47 0.52 20.87
N ILE A 25 6.94 1.05 19.75
CA ILE A 25 6.19 2.29 19.75
C ILE A 25 4.94 2.12 20.61
N TRP A 26 4.41 0.90 20.64
CA TRP A 26 3.22 0.58 21.42
C TRP A 26 3.56 0.48 22.91
N ALA A 27 4.83 0.19 23.20
CA ALA A 27 5.30 -0.02 24.56
C ALA A 27 5.52 1.33 25.26
N LEU A 28 6.00 2.32 24.50
CA LEU A 28 6.33 3.64 25.01
C LEU A 28 5.14 4.20 25.78
N GLN A 29 5.35 4.48 27.07
CA GLN A 29 4.33 5.14 27.89
C GLN A 29 4.98 6.23 28.74
N GLY A 30 4.13 7.03 29.39
CA GLY A 30 4.57 8.19 30.16
C GLY A 30 3.80 9.44 29.75
N LYS A 31 3.85 10.47 30.61
CA LYS A 31 3.14 11.73 30.39
C LYS A 31 3.70 12.42 29.14
N SER A 32 5.03 12.39 29.00
CA SER A 32 5.72 13.04 27.91
C SER A 32 5.24 12.48 26.58
N THR A 33 5.11 11.15 26.53
CA THR A 33 4.73 10.42 25.33
C THR A 33 3.26 10.64 25.00
N GLU A 34 2.39 10.49 26.02
CA GLU A 34 0.96 10.35 25.82
C GLU A 34 0.30 11.70 25.52
N THR A 35 1.07 12.79 25.62
CA THR A 35 0.55 14.12 25.32
C THR A 35 1.23 14.67 24.07
N ASN A 36 1.93 13.79 23.37
CA ASN A 36 2.64 14.17 22.15
C ASN A 36 1.84 13.65 20.96
N PRO A 37 1.13 14.54 20.22
CA PRO A 37 0.39 14.11 19.02
C PRO A 37 1.30 13.41 18.02
N LEU A 38 2.62 13.62 18.15
CA LEU A 38 3.58 13.00 17.24
C LEU A 38 3.72 11.51 17.54
N TYR A 39 3.51 11.14 18.81
CA TYR A 39 3.56 9.75 19.21
C TYR A 39 2.38 8.99 18.60
N TRP A 40 1.17 9.53 18.82
CA TRP A 40 -0.05 8.89 18.38
C TRP A 40 -0.12 8.85 16.85
N LEU A 41 0.39 9.92 16.22
CA LEU A 41 0.44 10.02 14.77
C LEU A 41 1.39 8.95 14.21
N ARG A 42 2.42 8.59 15.00
CA ARG A 42 3.36 7.54 14.62
C ARG A 42 2.70 6.17 14.81
N ALA A 43 1.97 6.02 15.92
CA ALA A 43 1.27 4.78 16.24
C ALA A 43 0.28 4.44 15.12
N MET A 44 -0.35 5.48 14.55
CA MET A 44 -1.32 5.33 13.47
C MET A 44 -0.61 4.92 12.19
N ASP A 45 0.65 5.35 12.05
CA ASP A 45 1.45 5.06 10.87
C ASP A 45 2.03 3.65 10.99
N CYS A 46 2.21 3.18 12.23
CA CYS A 46 2.81 1.88 12.51
C CYS A 46 1.73 0.81 12.64
N ALA A 47 0.46 1.24 12.70
CA ALA A 47 -0.67 0.32 12.76
C ALA A 47 -1.03 -0.14 11.36
N ASP A 48 -0.67 0.69 10.37
CA ASP A 48 -1.05 0.52 8.98
C ASP A 48 0.02 -0.32 8.26
N ARG A 49 0.77 -1.10 9.03
CA ARG A 49 1.89 -1.89 8.51
C ARG A 49 1.84 -3.30 9.07
N LEU A 50 0.71 -3.66 9.68
CA LEU A 50 0.57 -4.94 10.35
C LEU A 50 -0.57 -5.74 9.75
N MET A 51 -0.42 -7.07 9.75
CA MET A 51 -1.46 -7.99 9.33
C MET A 51 -2.41 -8.21 10.50
N PRO A 52 -3.73 -8.41 10.25
CA PRO A 52 -4.73 -8.57 11.32
C PRO A 52 -4.34 -9.46 12.50
N ALA A 53 -3.50 -10.47 12.25
CA ALA A 53 -3.06 -11.38 13.30
C ALA A 53 -2.05 -10.69 14.23
N GLN A 54 -1.12 -9.95 13.62
CA GLN A 54 -0.05 -9.26 14.33
C GLN A 54 -0.61 -8.06 15.10
N SER A 55 -1.67 -7.46 14.56
CA SER A 55 -2.36 -6.35 15.19
C SER A 55 -3.10 -6.83 16.43
N ARG A 56 -3.79 -7.97 16.29
CA ARG A 56 -4.62 -8.53 17.34
C ARG A 56 -3.76 -8.99 18.50
N GLN A 57 -2.53 -9.43 18.17
CA GLN A 57 -1.56 -9.90 19.16
C GLN A 57 -1.08 -8.72 19.99
N GLN A 58 -0.79 -7.60 19.31
CA GLN A 58 -0.39 -6.35 19.95
C GLN A 58 -1.55 -5.80 20.78
N ALA A 59 -2.76 -5.82 20.20
CA ALA A 59 -3.95 -5.23 20.80
C ALA A 59 -4.29 -5.92 22.12
N ARG A 60 -3.90 -7.21 22.23
CA ARG A 60 -4.23 -8.04 23.37
C ARG A 60 -3.41 -7.60 24.59
N GLN A 61 -2.33 -6.84 24.33
CA GLN A 61 -1.38 -6.48 25.37
C GLN A 61 -1.79 -5.18 26.06
N TYR A 62 -2.87 -4.55 25.58
CA TYR A 62 -3.28 -3.24 26.06
C TYR A 62 -4.79 -3.23 26.34
N ASP A 63 -5.20 -3.95 27.39
CA ASP A 63 -6.61 -4.21 27.62
C ASP A 63 -7.01 -3.88 29.06
N ASP A 64 -6.26 -2.98 29.71
CA ASP A 64 -6.50 -2.66 31.11
C ASP A 64 -7.62 -1.63 31.25
N GLY A 65 -7.99 -0.99 30.13
CA GLY A 65 -9.15 -0.12 30.10
C GLY A 65 -8.81 1.35 30.32
N SER A 66 -7.51 1.65 30.41
CA SER A 66 -7.04 3.03 30.47
C SER A 66 -7.12 3.65 29.09
N TRP A 67 -7.31 4.97 29.04
CA TRP A 67 -7.48 5.68 27.78
C TRP A 67 -6.28 5.47 26.86
N GLN A 68 -5.08 5.35 27.44
CA GLN A 68 -3.88 5.12 26.65
C GLN A 68 -4.02 3.79 25.92
N ASN A 69 -4.52 2.78 26.64
CA ASN A 69 -4.60 1.43 26.13
C ASN A 69 -5.75 1.29 25.13
N THR A 70 -6.93 1.81 25.54
CA THR A 70 -8.13 1.78 24.72
C THR A 70 -7.85 2.44 23.37
N PHE A 71 -7.05 3.52 23.39
CA PHE A 71 -6.74 4.27 22.19
C PHE A 71 -5.77 3.47 21.32
N LYS A 72 -4.80 2.80 21.95
CA LYS A 72 -3.84 1.96 21.25
C LYS A 72 -4.57 0.80 20.57
N GLN A 73 -5.51 0.18 21.30
CA GLN A 73 -6.32 -0.92 20.81
C GLN A 73 -7.11 -0.46 19.58
N GLY A 74 -7.81 0.68 19.73
CA GLY A 74 -8.55 1.29 18.63
C GLY A 74 -7.69 1.43 17.38
N ILE A 75 -6.49 2.00 17.54
CA ILE A 75 -5.61 2.27 16.42
C ILE A 75 -5.18 0.96 15.77
N LEU A 76 -5.02 -0.10 16.58
CA LEU A 76 -4.46 -1.35 16.10
C LEU A 76 -5.51 -2.18 15.36
N LEU A 77 -6.74 -2.20 15.89
CA LEU A 77 -7.80 -3.03 15.36
C LEU A 77 -8.50 -2.34 14.18
N ALA A 78 -8.48 -1.00 14.18
CA ALA A 78 -9.21 -0.19 13.22
C ALA A 78 -9.13 -0.80 11.81
N ASP A 79 -7.90 -1.11 11.37
CA ASP A 79 -7.65 -1.59 10.02
C ASP A 79 -7.11 -3.02 10.07
N ALA A 80 -7.61 -3.80 11.03
CA ALA A 80 -7.20 -5.19 11.18
C ALA A 80 -8.31 -6.12 10.66
N LYS A 81 -8.87 -5.77 9.50
CA LYS A 81 -9.93 -6.51 8.84
C LYS A 81 -10.99 -6.92 9.86
N ILE A 82 -11.62 -5.91 10.49
CA ILE A 82 -12.69 -6.17 11.44
C ILE A 82 -14.02 -6.01 10.72
N THR A 83 -15.11 -6.44 11.39
CA THR A 83 -16.44 -6.38 10.84
C THR A 83 -17.14 -5.13 11.34
N PRO A 84 -18.16 -4.61 10.62
CA PRO A 84 -19.01 -3.52 11.13
C PRO A 84 -19.46 -3.70 12.58
N TYR A 85 -19.81 -4.95 12.95
CA TYR A 85 -20.22 -5.25 14.32
C TYR A 85 -19.06 -4.94 15.28
N GLU A 86 -17.88 -5.49 14.97
CA GLU A 86 -16.68 -5.29 15.76
C GLU A 86 -16.41 -3.80 15.92
N ARG A 87 -16.61 -3.05 14.83
CA ARG A 87 -16.30 -1.63 14.77
C ARG A 87 -17.32 -0.84 15.60
N ARG A 88 -18.60 -1.23 15.51
CA ARG A 88 -19.68 -0.56 16.22
C ARG A 88 -19.45 -0.63 17.73
N GLN A 89 -18.59 -1.58 18.14
CA GLN A 89 -18.19 -1.72 19.53
C GLN A 89 -16.97 -0.85 19.80
N LEU A 90 -15.94 -1.03 18.96
CA LEU A 90 -14.70 -0.27 19.05
C LEU A 90 -15.00 1.23 19.09
N VAL A 91 -16.01 1.65 18.32
CA VAL A 91 -16.40 3.05 18.21
C VAL A 91 -16.96 3.53 19.54
N ALA A 92 -17.82 2.72 20.16
CA ALA A 92 -18.51 3.09 21.39
C ALA A 92 -17.54 3.23 22.55
N ARG A 93 -16.41 2.51 22.48
CA ARG A 93 -15.39 2.52 23.52
C ARG A 93 -14.64 3.84 23.50
N ILE A 94 -14.15 4.22 22.31
CA ILE A 94 -13.24 5.35 22.16
C ILE A 94 -14.00 6.66 22.34
N GLU A 95 -15.27 6.67 21.91
CA GLU A 95 -16.12 7.85 22.01
C GLU A 95 -16.39 8.18 23.47
N ALA A 96 -16.19 7.19 24.37
CA ALA A 96 -16.52 7.33 25.77
C ALA A 96 -15.33 7.90 26.54
N LEU A 97 -14.11 7.61 26.08
CA LEU A 97 -12.91 8.05 26.76
C LEU A 97 -12.34 9.29 26.08
N SER A 98 -13.21 10.01 25.35
CA SER A 98 -12.84 11.23 24.65
C SER A 98 -12.48 12.34 25.65
N THR A 99 -13.07 12.27 26.86
CA THR A 99 -12.94 13.32 27.85
C THR A 99 -11.60 13.20 28.59
N GLU A 100 -10.96 12.03 28.50
CA GLU A 100 -9.72 11.79 29.21
C GLU A 100 -8.51 12.03 28.31
N ILE A 101 -8.78 12.45 27.06
CA ILE A 101 -7.72 12.67 26.08
C ILE A 101 -7.12 14.06 26.27
N PRO A 102 -5.77 14.17 26.33
CA PRO A 102 -5.10 15.47 26.51
C PRO A 102 -5.41 16.44 25.37
N ALA A 103 -5.51 17.72 25.72
CA ALA A 103 -5.98 18.77 24.80
C ALA A 103 -5.14 18.81 23.53
N GLN A 104 -3.82 18.63 23.69
CA GLN A 104 -2.88 18.61 22.58
C GLN A 104 -3.30 17.57 21.56
N VAL A 105 -3.83 16.44 22.05
CA VAL A 105 -4.04 15.25 21.23
C VAL A 105 -5.47 15.23 20.70
N ARG A 106 -6.35 16.01 21.33
CA ARG A 106 -7.79 15.96 21.03
C ARG A 106 -8.04 16.07 19.51
N PRO A 107 -7.54 17.11 18.81
CA PRO A 107 -7.82 17.26 17.37
C PRO A 107 -7.37 16.06 16.53
N LEU A 108 -6.29 15.39 16.95
CA LEU A 108 -5.83 14.21 16.24
C LEU A 108 -6.77 13.04 16.51
N TYR A 109 -7.22 12.92 17.76
CA TYR A 109 -8.18 11.89 18.13
C TYR A 109 -9.48 12.08 17.36
N GLN A 110 -10.03 13.31 17.42
CA GLN A 110 -11.31 13.62 16.80
C GLN A 110 -11.28 13.20 15.32
N LEU A 111 -10.21 13.59 14.63
CA LEU A 111 -9.99 13.29 13.22
C LEU A 111 -10.05 11.77 13.00
N TRP A 112 -9.40 11.02 13.90
CA TRP A 112 -9.30 9.58 13.79
C TRP A 112 -10.63 8.91 14.14
N ARG A 113 -11.30 9.44 15.17
CA ARG A 113 -12.61 8.96 15.59
C ARG A 113 -13.60 9.12 14.43
N ASP A 114 -13.61 10.33 13.84
CA ASP A 114 -14.55 10.68 12.78
C ASP A 114 -14.42 9.70 11.62
N GLY A 115 -13.17 9.29 11.33
CA GLY A 115 -12.90 8.32 10.28
C GLY A 115 -13.58 6.98 10.54
N GLN A 116 -13.58 6.56 11.81
CA GLN A 116 -14.15 5.29 12.22
C GLN A 116 -15.67 5.37 12.21
N ALA A 117 -16.20 6.51 12.69
CA ALA A 117 -17.63 6.76 12.72
C ALA A 117 -18.20 6.74 11.30
N LEU A 118 -17.44 7.29 10.35
CA LEU A 118 -17.87 7.40 8.96
C LEU A 118 -17.88 6.03 8.30
N GLN A 119 -16.92 5.17 8.68
CA GLN A 119 -16.84 3.81 8.16
C GLN A 119 -18.04 3.00 8.66
N LEU A 120 -18.47 3.28 9.90
CA LEU A 120 -19.62 2.61 10.47
C LEU A 120 -20.89 3.08 9.77
N GLN A 121 -20.93 4.37 9.42
CA GLN A 121 -22.08 4.97 8.76
C GLN A 121 -22.21 4.41 7.34
N LEU A 122 -21.08 4.14 6.70
CA LEU A 122 -21.06 3.62 5.35
C LEU A 122 -21.51 2.15 5.35
N ALA A 123 -21.29 1.47 6.48
CA ALA A 123 -21.69 0.07 6.64
C ALA A 123 -23.20 0.00 6.85
N GLU A 124 -23.74 0.92 7.66
CA GLU A 124 -25.16 0.96 7.97
C GLU A 124 -25.96 1.27 6.71
N GLU A 125 -25.42 2.15 5.87
CA GLU A 125 -26.09 2.57 4.64
C GLU A 125 -26.02 1.46 3.60
N ARG A 126 -24.90 0.72 3.59
CA ARG A 126 -24.74 -0.43 2.72
C ARG A 126 -25.82 -1.46 3.03
N GLN A 127 -26.09 -1.65 4.33
CA GLN A 127 -27.10 -2.60 4.78
C GLN A 127 -28.49 -2.04 4.52
N ARG A 128 -28.64 -0.72 4.63
CA ARG A 128 -29.89 -0.03 4.36
C ARG A 128 -30.29 -0.23 2.90
N TYR A 129 -29.29 -0.17 2.00
CA TYR A 129 -29.52 -0.26 0.57
C TYR A 129 -29.94 -1.67 0.19
N SER A 130 -29.40 -2.66 0.90
CA SER A 130 -29.74 -4.06 0.69
C SER A 130 -31.10 -4.37 1.30
N LYS A 131 -31.48 -3.61 2.32
CA LYS A 131 -32.76 -3.79 3.00
C LYS A 131 -33.89 -3.30 2.12
N LEU A 132 -33.63 -2.24 1.32
CA LEU A 132 -34.64 -1.63 0.47
C LEU A 132 -34.71 -2.40 -0.85
N GLN A 133 -33.56 -2.91 -1.31
CA GLN A 133 -33.48 -3.66 -2.55
C GLN A 133 -34.22 -4.99 -2.39
N GLN A 134 -34.30 -5.47 -1.15
CA GLN A 134 -34.97 -6.71 -0.82
C GLN A 134 -36.48 -6.49 -0.79
N SER A 135 -36.91 -5.49 -0.01
CA SER A 135 -38.32 -5.27 0.28
C SER A 135 -39.03 -4.61 -0.89
N SER A 136 -38.27 -3.92 -1.76
CA SER A 136 -38.83 -3.33 -2.97
C SER A 136 -39.11 -4.43 -3.98
N ASP A 137 -38.17 -5.38 -4.10
CA ASP A 137 -38.31 -6.52 -5.00
C ASP A 137 -39.40 -7.46 -4.49
N SER A 138 -39.55 -7.52 -3.17
CA SER A 138 -40.53 -8.38 -2.53
C SER A 138 -41.95 -7.88 -2.80
N GLU A 139 -42.14 -6.56 -2.72
CA GLU A 139 -43.45 -5.94 -2.89
C GLU A 139 -43.88 -6.03 -4.35
N LEU A 140 -42.90 -5.86 -5.26
CA LEU A 140 -43.17 -5.81 -6.69
C LEU A 140 -43.35 -7.23 -7.24
N ASP A 141 -42.83 -8.23 -6.54
CA ASP A 141 -43.02 -9.62 -6.93
C ASP A 141 -44.39 -10.10 -6.49
N THR A 142 -44.79 -9.71 -5.28
CA THR A 142 -46.07 -10.11 -4.71
C THR A 142 -47.21 -9.52 -5.55
N LEU A 143 -47.10 -8.22 -5.87
CA LEU A 143 -48.15 -7.50 -6.57
C LEU A 143 -48.20 -7.93 -8.04
N ARG A 144 -47.04 -8.25 -8.62
CA ARG A 144 -46.96 -8.71 -9.99
C ARG A 144 -47.66 -10.07 -10.13
N GLN A 145 -47.58 -10.87 -9.06
CA GLN A 145 -48.22 -12.18 -9.03
C GLN A 145 -49.73 -12.02 -8.87
N GLN A 146 -50.13 -11.14 -7.94
CA GLN A 146 -51.54 -10.82 -7.71
C GLN A 146 -52.17 -10.27 -8.98
N HIS A 147 -51.38 -9.53 -9.76
CA HIS A 147 -51.83 -8.93 -11.01
C HIS A 147 -51.99 -10.00 -12.08
N HIS A 148 -51.05 -10.95 -12.11
CA HIS A 148 -51.06 -12.05 -13.05
C HIS A 148 -52.32 -12.89 -12.86
N VAL A 149 -52.66 -13.17 -11.59
CA VAL A 149 -53.78 -14.00 -11.22
C VAL A 149 -55.09 -13.35 -11.68
N LEU A 150 -55.12 -12.01 -11.62
CA LEU A 150 -56.33 -11.27 -11.97
C LEU A 150 -56.48 -11.20 -13.49
N GLN A 151 -55.37 -11.00 -14.20
CA GLN A 151 -55.39 -10.93 -15.65
C GLN A 151 -55.95 -12.23 -16.23
N GLN A 152 -55.57 -13.35 -15.61
CA GLN A 152 -56.03 -14.66 -16.04
C GLN A 152 -57.52 -14.80 -15.74
N GLN A 153 -57.92 -14.29 -14.57
CA GLN A 153 -59.30 -14.39 -14.10
C GLN A 153 -60.22 -13.63 -15.06
N LEU A 154 -59.74 -12.48 -15.56
CA LEU A 154 -60.49 -11.68 -16.51
C LEU A 154 -60.55 -12.38 -17.87
N GLU A 155 -59.49 -13.13 -18.20
CA GLU A 155 -59.41 -13.85 -19.46
C GLU A 155 -60.42 -14.99 -19.46
N LEU A 156 -60.60 -15.63 -18.30
CA LEU A 156 -61.52 -16.76 -18.17
C LEU A 156 -62.96 -16.26 -18.21
N THR A 157 -63.21 -15.15 -17.52
CA THR A 157 -64.55 -14.59 -17.40
C THR A 157 -65.03 -14.10 -18.76
N THR A 158 -64.15 -13.40 -19.48
CA THR A 158 -64.45 -12.87 -20.81
C THR A 158 -64.91 -13.99 -21.74
N ARG A 159 -64.23 -15.14 -21.66
CA ARG A 159 -64.50 -16.27 -22.53
C ARG A 159 -65.88 -16.87 -22.22
N LYS A 160 -66.12 -17.14 -20.93
CA LYS A 160 -67.41 -17.66 -20.47
C LYS A 160 -68.54 -16.72 -20.92
N LEU A 161 -68.24 -15.42 -20.91
CA LEU A 161 -69.17 -14.40 -21.36
C LEU A 161 -69.34 -14.47 -22.87
N GLU A 162 -68.23 -14.74 -23.59
CA GLU A 162 -68.26 -14.82 -25.04
C GLU A 162 -68.90 -16.13 -25.49
N ASN A 163 -68.97 -17.11 -24.58
CA ASN A 163 -69.67 -18.36 -24.84
C ASN A 163 -71.17 -18.09 -24.90
N LEU A 164 -71.69 -17.49 -23.83
CA LEU A 164 -73.11 -17.20 -23.69
C LEU A 164 -73.58 -16.26 -24.80
N THR A 165 -72.71 -15.33 -25.18
CA THR A 165 -72.97 -14.40 -26.26
C THR A 165 -73.17 -15.17 -27.57
N ASP A 166 -72.25 -16.10 -27.87
CA ASP A 166 -72.26 -16.83 -29.12
C ASP A 166 -73.47 -17.76 -29.19
N ILE A 167 -73.80 -18.41 -28.07
CA ILE A 167 -74.86 -19.40 -27.99
C ILE A 167 -76.22 -18.75 -28.30
N GLU A 168 -76.44 -17.55 -27.73
CA GLU A 168 -77.71 -16.84 -27.90
C GLU A 168 -77.77 -16.16 -29.26
N ARG A 169 -76.62 -15.99 -29.91
CA ARG A 169 -76.55 -15.35 -31.21
C ARG A 169 -76.32 -16.39 -32.30
N GLN A 170 -77.01 -17.52 -32.20
CA GLN A 170 -76.88 -18.61 -33.17
C GLN A 170 -78.21 -18.85 -33.87
N LEU A 171 -79.27 -18.99 -33.08
CA LEU A 171 -80.61 -19.33 -33.57
C LEU A 171 -80.54 -20.57 -34.46
N SER A 172 -79.96 -21.65 -33.93
CA SER A 172 -79.87 -22.92 -34.63
C SER A 172 -80.01 -24.08 -33.62
N CYS B 22 -5.06 31.88 17.35
CA CYS B 22 -5.85 30.89 16.55
C CYS B 22 -6.43 31.56 15.30
N SER B 23 -6.34 32.89 15.25
CA SER B 23 -6.67 33.63 14.03
C SER B 23 -5.39 33.94 13.28
N ASP B 24 -4.25 33.85 13.98
CA ASP B 24 -2.95 34.16 13.45
C ASP B 24 -2.32 32.92 12.84
N ILE B 25 -2.98 31.77 13.04
CA ILE B 25 -2.43 30.49 12.62
C ILE B 25 -2.52 30.36 11.10
N TRP B 26 -3.52 31.03 10.51
CA TRP B 26 -3.81 30.88 9.10
C TRP B 26 -2.78 31.65 8.25
N ALA B 27 -2.19 32.68 8.84
CA ALA B 27 -1.32 33.61 8.14
C ALA B 27 0.13 33.10 8.11
N LEU B 28 0.41 32.06 8.91
CA LEU B 28 1.76 31.50 9.00
C LEU B 28 2.14 30.84 7.69
N GLN B 29 3.34 31.18 7.20
CA GLN B 29 3.92 30.56 6.02
C GLN B 29 5.39 30.26 6.31
N GLY B 30 6.08 29.68 5.32
CA GLY B 30 7.49 29.30 5.46
C GLY B 30 7.65 27.79 5.62
N LYS B 31 8.85 27.30 5.29
CA LYS B 31 9.13 25.87 5.21
C LYS B 31 9.00 25.21 6.58
N SER B 32 9.34 25.96 7.64
CA SER B 32 9.32 25.43 9.00
C SER B 32 7.88 25.26 9.48
N THR B 33 6.94 25.88 8.76
CA THR B 33 5.51 25.77 9.05
C THR B 33 4.88 24.72 8.15
N GLU B 34 5.22 24.78 6.85
CA GLU B 34 4.71 23.88 5.84
C GLU B 34 4.94 22.42 6.23
N THR B 35 6.12 22.14 6.81
CA THR B 35 6.59 20.78 7.02
C THR B 35 6.24 20.32 8.43
N ASN B 36 5.43 21.13 9.12
CA ASN B 36 5.21 21.02 10.55
C ASN B 36 3.86 20.36 10.83
N PRO B 37 3.81 19.07 11.20
CA PRO B 37 2.54 18.40 11.49
C PRO B 37 1.75 19.01 12.64
N LEU B 38 2.46 19.63 13.60
CA LEU B 38 1.81 20.21 14.76
C LEU B 38 1.06 21.48 14.37
N TYR B 39 1.57 22.18 13.35
CA TYR B 39 0.94 23.36 12.80
C TYR B 39 -0.40 22.99 12.16
N TRP B 40 -0.36 22.01 11.25
CA TRP B 40 -1.54 21.61 10.50
C TRP B 40 -2.62 21.07 11.44
N LEU B 41 -2.18 20.45 12.53
CA LEU B 41 -3.08 19.89 13.52
C LEU B 41 -3.81 21.02 14.24
N ARG B 42 -3.08 22.11 14.51
CA ARG B 42 -3.67 23.27 15.14
C ARG B 42 -4.63 23.97 14.18
N ALA B 43 -4.27 23.97 12.89
CA ALA B 43 -5.11 24.54 11.85
C ALA B 43 -6.45 23.80 11.82
N MET B 44 -6.37 22.47 11.73
CA MET B 44 -7.55 21.61 11.71
C MET B 44 -8.41 21.88 12.95
N ASP B 45 -7.74 22.10 14.09
CA ASP B 45 -8.44 22.35 15.33
C ASP B 45 -9.19 23.68 15.24
N CYS B 46 -8.49 24.71 14.76
CA CYS B 46 -9.04 26.05 14.67
C CYS B 46 -10.19 26.10 13.67
N ALA B 47 -10.05 25.34 12.57
CA ALA B 47 -11.07 25.23 11.54
C ALA B 47 -12.40 24.81 12.13
N ASP B 48 -12.35 23.94 13.15
CA ASP B 48 -13.55 23.31 13.69
C ASP B 48 -14.28 24.25 14.63
N ARG B 49 -13.63 25.36 15.01
CA ARG B 49 -14.23 26.34 15.89
C ARG B 49 -14.96 27.43 15.09
N LEU B 50 -14.87 27.36 13.76
CA LEU B 50 -15.40 28.41 12.90
C LEU B 50 -16.77 28.01 12.35
N MET B 51 -17.68 28.98 12.32
CA MET B 51 -19.00 28.82 11.71
C MET B 51 -18.85 28.80 10.20
N PRO B 52 -19.75 28.11 9.45
CA PRO B 52 -19.61 27.94 8.00
C PRO B 52 -19.26 29.21 7.21
N ALA B 53 -19.89 30.33 7.57
CA ALA B 53 -19.72 31.57 6.84
C ALA B 53 -18.31 32.15 7.06
N GLN B 54 -17.78 31.96 8.28
CA GLN B 54 -16.44 32.40 8.63
C GLN B 54 -15.41 31.56 7.86
N SER B 55 -15.66 30.25 7.78
CA SER B 55 -14.81 29.31 7.10
C SER B 55 -14.62 29.70 5.64
N ARG B 56 -15.73 30.09 4.98
CA ARG B 56 -15.72 30.43 3.58
C ARG B 56 -14.96 31.74 3.35
N GLN B 57 -15.14 32.70 4.27
N GLN B 57 -15.12 32.71 4.26
CA GLN B 57 -14.53 34.02 4.20
CA GLN B 57 -14.48 34.00 4.11
C GLN B 57 -13.01 33.90 4.37
C GLN B 57 -12.98 33.86 4.33
N GLN B 58 -12.60 33.10 5.36
CA GLN B 58 -11.21 32.86 5.68
C GLN B 58 -10.53 32.13 4.51
N ALA B 59 -11.30 31.26 3.85
CA ALA B 59 -10.80 30.42 2.78
C ALA B 59 -10.53 31.23 1.52
N ARG B 60 -11.24 32.36 1.39
CA ARG B 60 -11.14 33.20 0.20
C ARG B 60 -9.77 33.88 0.16
N GLN B 61 -9.11 33.94 1.31
CA GLN B 61 -7.85 34.66 1.46
C GLN B 61 -6.67 33.79 1.04
N TYR B 62 -6.94 32.56 0.58
CA TYR B 62 -5.88 31.62 0.28
C TYR B 62 -6.06 31.06 -1.13
N ASP B 63 -6.00 31.97 -2.11
CA ASP B 63 -6.33 31.71 -3.50
C ASP B 63 -5.07 31.50 -4.34
N ASP B 64 -3.89 31.66 -3.72
CA ASP B 64 -2.63 31.76 -4.43
C ASP B 64 -2.36 30.51 -5.27
N GLY B 65 -2.99 29.39 -4.91
CA GLY B 65 -2.91 28.17 -5.71
C GLY B 65 -1.74 27.27 -5.31
N SER B 66 -1.02 27.66 -4.26
CA SER B 66 0.01 26.82 -3.66
C SER B 66 -0.64 25.62 -2.99
N TRP B 67 0.15 24.58 -2.72
CA TRP B 67 -0.36 23.40 -2.05
C TRP B 67 -0.74 23.74 -0.61
N GLN B 68 0.02 24.67 0.00
CA GLN B 68 -0.23 25.13 1.36
C GLN B 68 -1.62 25.75 1.44
N ASN B 69 -1.87 26.71 0.53
CA ASN B 69 -3.15 27.41 0.49
C ASN B 69 -4.27 26.43 0.13
N THR B 70 -4.00 25.55 -0.85
CA THR B 70 -4.97 24.56 -1.29
C THR B 70 -5.41 23.70 -0.11
N PHE B 71 -4.43 23.26 0.68
CA PHE B 71 -4.65 22.41 1.84
C PHE B 71 -5.42 23.18 2.90
N LYS B 72 -5.04 24.45 3.12
CA LYS B 72 -5.75 25.32 4.05
C LYS B 72 -7.20 25.47 3.62
N GLN B 73 -7.41 25.70 2.31
CA GLN B 73 -8.75 25.87 1.79
C GLN B 73 -9.58 24.63 2.09
N GLY B 74 -8.99 23.45 1.86
CA GLY B 74 -9.65 22.17 2.08
C GLY B 74 -10.04 21.98 3.54
N ILE B 75 -9.15 22.40 4.44
CA ILE B 75 -9.35 22.24 5.87
C ILE B 75 -10.50 23.14 6.33
N LEU B 76 -10.53 24.37 5.83
CA LEU B 76 -11.52 25.36 6.23
C LEU B 76 -12.91 24.98 5.69
N LEU B 77 -12.95 24.54 4.43
CA LEU B 77 -14.23 24.41 3.73
C LEU B 77 -14.88 23.06 4.04
N ALA B 78 -14.12 22.13 4.60
CA ALA B 78 -14.55 20.75 4.82
C ALA B 78 -15.89 20.70 5.56
N ASP B 79 -16.05 21.52 6.60
CA ASP B 79 -17.26 21.53 7.41
C ASP B 79 -18.01 22.86 7.20
N ALA B 80 -17.93 23.41 5.99
CA ALA B 80 -18.53 24.70 5.71
C ALA B 80 -19.85 24.51 4.95
N LYS B 81 -20.52 23.37 5.19
CA LYS B 81 -21.80 23.04 4.60
C LYS B 81 -21.71 23.13 3.08
N ILE B 82 -20.82 22.32 2.50
CA ILE B 82 -20.55 22.36 1.08
C ILE B 82 -21.21 21.16 0.41
N THR B 83 -21.51 21.30 -0.89
CA THR B 83 -22.18 20.25 -1.65
C THR B 83 -21.22 19.09 -1.85
N PRO B 84 -21.74 17.85 -2.04
CA PRO B 84 -20.91 16.71 -2.45
C PRO B 84 -20.06 16.99 -3.69
N TYR B 85 -20.53 17.91 -4.55
CA TYR B 85 -19.78 18.26 -5.76
C TYR B 85 -18.59 19.14 -5.40
N GLU B 86 -18.82 20.15 -4.57
CA GLU B 86 -17.80 21.10 -4.15
C GLU B 86 -16.70 20.35 -3.39
N ARG B 87 -17.10 19.37 -2.60
CA ARG B 87 -16.18 18.58 -1.80
C ARG B 87 -15.27 17.78 -2.73
N ARG B 88 -15.87 17.20 -3.78
CA ARG B 88 -15.14 16.39 -4.75
C ARG B 88 -14.12 17.26 -5.48
N GLN B 89 -14.46 18.55 -5.64
CA GLN B 89 -13.59 19.51 -6.30
C GLN B 89 -12.39 19.82 -5.41
N LEU B 90 -12.64 20.03 -4.12
CA LEU B 90 -11.61 20.33 -3.13
C LEU B 90 -10.61 19.19 -3.04
N VAL B 91 -11.12 17.98 -2.78
CA VAL B 91 -10.29 16.80 -2.61
C VAL B 91 -9.39 16.62 -3.84
N ALA B 92 -9.96 16.87 -5.03
CA ALA B 92 -9.25 16.70 -6.29
C ALA B 92 -8.05 17.63 -6.37
N ARG B 93 -8.23 18.87 -5.90
CA ARG B 93 -7.22 19.91 -6.02
C ARG B 93 -6.01 19.62 -5.12
N ILE B 94 -6.27 19.03 -3.94
CA ILE B 94 -5.19 18.75 -3.00
C ILE B 94 -4.51 17.43 -3.34
N GLU B 95 -5.28 16.48 -3.88
CA GLU B 95 -4.72 15.19 -4.26
C GLU B 95 -3.75 15.35 -5.42
N ALA B 96 -3.97 16.39 -6.25
CA ALA B 96 -3.13 16.67 -7.41
C ALA B 96 -1.75 17.15 -6.95
N LEU B 97 -1.66 17.58 -5.69
CA LEU B 97 -0.43 18.09 -5.12
C LEU B 97 -0.04 17.22 -3.92
N SER B 98 -0.29 15.92 -4.05
CA SER B 98 -0.02 14.93 -3.02
C SER B 98 1.50 14.75 -2.84
N THR B 99 2.23 14.87 -3.96
CA THR B 99 3.68 14.72 -3.98
C THR B 99 4.33 15.87 -3.24
N GLU B 100 3.63 17.02 -3.16
CA GLU B 100 4.17 18.24 -2.62
C GLU B 100 4.03 18.29 -1.09
N ILE B 101 3.30 17.31 -0.54
CA ILE B 101 3.07 17.27 0.89
C ILE B 101 4.30 16.67 1.58
N PRO B 102 4.90 17.40 2.54
CA PRO B 102 6.09 16.94 3.28
C PRO B 102 5.88 15.60 3.96
N ALA B 103 6.98 14.86 4.11
CA ALA B 103 6.97 13.49 4.60
C ALA B 103 6.46 13.43 6.04
N GLN B 104 6.72 14.47 6.83
CA GLN B 104 6.29 14.54 8.22
C GLN B 104 4.77 14.67 8.29
N VAL B 105 4.18 15.32 7.26
CA VAL B 105 2.78 15.69 7.28
C VAL B 105 1.93 14.57 6.67
N ARG B 106 2.50 13.82 5.72
CA ARG B 106 1.77 12.82 4.95
C ARG B 106 0.79 12.03 5.83
N PRO B 107 1.23 11.38 6.94
CA PRO B 107 0.32 10.60 7.79
C PRO B 107 -0.90 11.38 8.27
N LEU B 108 -0.68 12.64 8.68
CA LEU B 108 -1.76 13.50 9.11
C LEU B 108 -2.66 13.82 7.91
N TYR B 109 -2.03 14.23 6.80
CA TYR B 109 -2.75 14.54 5.57
C TYR B 109 -3.62 13.36 5.17
N GLN B 110 -3.02 12.16 5.21
CA GLN B 110 -3.67 10.94 4.79
C GLN B 110 -4.93 10.71 5.62
N LEU B 111 -4.83 10.93 6.94
CA LEU B 111 -5.95 10.71 7.84
C LEU B 111 -7.10 11.64 7.48
N TRP B 112 -6.76 12.90 7.17
CA TRP B 112 -7.72 13.94 6.82
C TRP B 112 -8.37 13.61 5.47
N ARG B 113 -7.54 13.26 4.49
CA ARG B 113 -7.95 12.95 3.13
C ARG B 113 -8.92 11.76 3.15
N ASP B 114 -8.60 10.76 3.99
CA ASP B 114 -9.43 9.57 4.12
C ASP B 114 -10.82 9.96 4.57
N GLY B 115 -10.90 10.82 5.59
CA GLY B 115 -12.16 11.31 6.12
C GLY B 115 -13.03 11.93 5.03
N GLN B 116 -12.40 12.72 4.15
CA GLN B 116 -13.06 13.41 3.05
C GLN B 116 -13.54 12.40 2.02
N ALA B 117 -12.71 11.39 1.75
CA ALA B 117 -13.03 10.33 0.79
C ALA B 117 -14.26 9.55 1.27
N LEU B 118 -14.33 9.33 2.59
CA LEU B 118 -15.42 8.55 3.17
C LEU B 118 -16.72 9.34 3.14
N GLN B 119 -16.62 10.67 3.19
CA GLN B 119 -17.80 11.53 3.15
C GLN B 119 -18.38 11.60 1.74
N LEU B 120 -17.50 11.44 0.74
CA LEU B 120 -17.90 11.43 -0.65
C LEU B 120 -18.56 10.09 -0.98
N GLN B 121 -18.02 9.01 -0.42
CA GLN B 121 -18.60 7.69 -0.56
C GLN B 121 -19.99 7.69 0.10
N LEU B 122 -20.11 8.44 1.19
CA LEU B 122 -21.35 8.54 1.94
C LEU B 122 -22.37 9.32 1.12
N ALA B 123 -21.87 10.33 0.37
CA ALA B 123 -22.71 11.15 -0.48
C ALA B 123 -23.28 10.31 -1.62
N GLU B 124 -22.43 9.47 -2.21
CA GLU B 124 -22.80 8.59 -3.31
C GLU B 124 -23.89 7.62 -2.86
N GLU B 125 -23.66 6.97 -1.70
CA GLU B 125 -24.56 5.96 -1.18
C GLU B 125 -25.92 6.57 -0.82
N ARG B 126 -25.91 7.83 -0.40
CA ARG B 126 -27.14 8.57 -0.13
C ARG B 126 -27.92 8.76 -1.43
N GLN B 127 -27.19 9.18 -2.49
CA GLN B 127 -27.79 9.45 -3.79
C GLN B 127 -28.30 8.15 -4.42
N ARG B 128 -27.50 7.09 -4.28
CA ARG B 128 -27.77 5.80 -4.88
C ARG B 128 -29.01 5.17 -4.25
N TYR B 129 -29.20 5.44 -2.95
CA TYR B 129 -30.34 4.89 -2.20
C TYR B 129 -31.62 5.57 -2.65
N SER B 130 -31.61 6.91 -2.73
CA SER B 130 -32.79 7.70 -3.06
C SER B 130 -33.23 7.41 -4.50
N LYS B 131 -32.27 7.08 -5.36
CA LYS B 131 -32.51 6.71 -6.73
C LYS B 131 -33.29 5.39 -6.78
N LEU B 132 -32.90 4.44 -5.91
CA LEU B 132 -33.55 3.14 -5.82
C LEU B 132 -34.94 3.31 -5.22
N GLN B 133 -35.05 4.18 -4.22
CA GLN B 133 -36.32 4.48 -3.58
C GLN B 133 -37.26 5.14 -4.59
N GLN B 134 -36.67 5.89 -5.52
CA GLN B 134 -37.41 6.64 -6.53
C GLN B 134 -38.03 5.67 -7.53
N SER B 135 -37.18 4.90 -8.21
CA SER B 135 -37.57 4.06 -9.33
C SER B 135 -38.50 2.94 -8.88
N SER B 136 -38.27 2.43 -7.66
CA SER B 136 -39.04 1.30 -7.15
C SER B 136 -40.43 1.77 -6.70
N ASP B 137 -40.55 3.07 -6.41
CA ASP B 137 -41.81 3.62 -5.95
C ASP B 137 -42.71 3.97 -7.15
N SER B 138 -42.08 4.41 -8.25
CA SER B 138 -42.80 4.73 -9.46
C SER B 138 -43.27 3.44 -10.14
N GLU B 139 -42.53 2.35 -9.89
CA GLU B 139 -42.89 1.03 -10.40
C GLU B 139 -44.09 0.50 -9.63
N LEU B 140 -44.06 0.64 -8.30
CA LEU B 140 -45.12 0.17 -7.42
C LEU B 140 -46.40 0.94 -7.70
N ASP B 141 -46.29 2.27 -7.85
CA ASP B 141 -47.44 3.13 -8.03
C ASP B 141 -48.10 2.86 -9.38
N THR B 142 -47.29 2.55 -10.39
CA THR B 142 -47.78 2.23 -11.72
C THR B 142 -48.53 0.90 -11.69
N LEU B 143 -47.94 -0.09 -11.02
CA LEU B 143 -48.46 -1.45 -11.02
C LEU B 143 -49.77 -1.52 -10.21
N ARG B 144 -49.82 -0.77 -9.10
CA ARG B 144 -50.98 -0.79 -8.23
C ARG B 144 -52.12 0.01 -8.86
N GLN B 145 -51.76 0.89 -9.80
CA GLN B 145 -52.73 1.66 -10.57
C GLN B 145 -53.41 0.75 -11.58
N GLN B 146 -52.60 -0.06 -12.27
CA GLN B 146 -53.08 -1.01 -13.27
C GLN B 146 -53.90 -2.10 -12.59
N HIS B 147 -53.52 -2.41 -11.33
CA HIS B 147 -54.14 -3.48 -10.57
C HIS B 147 -55.54 -3.08 -10.14
N HIS B 148 -55.71 -1.79 -9.79
CA HIS B 148 -57.00 -1.26 -9.38
C HIS B 148 -57.94 -1.21 -10.57
N VAL B 149 -57.40 -0.75 -11.71
CA VAL B 149 -58.12 -0.69 -12.98
C VAL B 149 -58.60 -2.09 -13.35
N LEU B 150 -57.76 -3.09 -13.09
CA LEU B 150 -58.08 -4.47 -13.42
C LEU B 150 -59.09 -5.02 -12.42
N GLN B 151 -58.94 -4.63 -11.15
CA GLN B 151 -59.88 -5.02 -10.11
C GLN B 151 -61.29 -4.56 -10.47
N GLN B 152 -61.38 -3.35 -11.04
CA GLN B 152 -62.65 -2.75 -11.41
C GLN B 152 -63.22 -3.42 -12.65
N GLN B 153 -62.35 -3.70 -13.64
CA GLN B 153 -62.72 -4.35 -14.87
C GLN B 153 -63.30 -5.74 -14.57
N LEU B 154 -62.68 -6.44 -13.62
CA LEU B 154 -63.04 -7.82 -13.33
C LEU B 154 -64.38 -7.89 -12.62
N GLU B 155 -64.64 -6.90 -11.75
N GLU B 155 -64.66 -6.89 -11.77
CA GLU B 155 -65.89 -6.88 -10.98
CA GLU B 155 -65.87 -6.87 -10.97
C GLU B 155 -67.07 -6.71 -11.93
C GLU B 155 -67.09 -6.64 -11.87
N LEU B 156 -66.93 -5.80 -12.90
CA LEU B 156 -67.99 -5.48 -13.84
C LEU B 156 -68.30 -6.69 -14.71
N THR B 157 -67.24 -7.34 -15.22
CA THR B 157 -67.39 -8.47 -16.12
C THR B 157 -67.97 -9.66 -15.37
N THR B 158 -67.48 -9.89 -14.14
CA THR B 158 -67.96 -10.97 -13.30
C THR B 158 -69.45 -10.81 -13.00
N ARG B 159 -69.86 -9.59 -12.62
CA ARG B 159 -71.24 -9.30 -12.25
C ARG B 159 -72.16 -9.53 -13.45
N LYS B 160 -71.71 -9.11 -14.63
CA LYS B 160 -72.44 -9.29 -15.87
C LYS B 160 -72.68 -10.78 -16.10
N LEU B 161 -71.61 -11.57 -15.97
CA LEU B 161 -71.65 -13.00 -16.21
C LEU B 161 -72.65 -13.66 -15.27
N GLU B 162 -72.55 -13.33 -13.97
CA GLU B 162 -73.45 -13.85 -12.95
C GLU B 162 -74.90 -13.55 -13.33
N ASN B 163 -75.15 -12.28 -13.70
CA ASN B 163 -76.48 -11.77 -13.98
C ASN B 163 -77.10 -12.52 -15.16
N LEU B 164 -76.34 -12.65 -16.26
CA LEU B 164 -76.83 -13.31 -17.45
C LEU B 164 -77.03 -14.80 -17.17
N THR B 165 -76.06 -15.40 -16.48
CA THR B 165 -76.10 -16.82 -16.13
C THR B 165 -77.37 -17.13 -15.33
N ASP B 166 -77.69 -16.27 -14.37
CA ASP B 166 -78.86 -16.47 -13.52
C ASP B 166 -80.14 -16.38 -14.33
N ILE B 167 -80.18 -15.45 -15.29
CA ILE B 167 -81.34 -15.28 -16.16
C ILE B 167 -81.52 -16.52 -17.03
N GLU B 168 -80.40 -17.00 -17.61
CA GLU B 168 -80.43 -18.10 -18.56
C GLU B 168 -80.81 -19.40 -17.84
N ARG B 169 -80.36 -19.53 -16.58
CA ARG B 169 -80.69 -20.68 -15.75
C ARG B 169 -82.21 -20.71 -15.50
N GLN B 170 -82.78 -19.54 -15.17
CA GLN B 170 -84.18 -19.42 -14.81
C GLN B 170 -85.06 -19.62 -16.04
N LEU B 171 -84.57 -19.20 -17.21
CA LEU B 171 -85.36 -19.24 -18.44
C LEU B 171 -85.50 -20.68 -18.93
N SER B 172 -84.43 -21.47 -18.80
CA SER B 172 -84.38 -22.82 -19.35
C SER B 172 -85.22 -23.79 -18.51
N THR B 173 -85.45 -23.42 -17.24
CA THR B 173 -86.22 -24.25 -16.33
C THR B 173 -87.68 -23.77 -16.29
N CYS C 22 10.09 -28.50 -24.39
CA CYS C 22 10.83 -27.28 -23.94
C CYS C 22 12.07 -27.06 -24.81
N SER C 23 12.53 -28.11 -25.47
CA SER C 23 13.75 -28.05 -26.26
C SER C 23 13.46 -27.57 -27.69
N ASP C 24 12.18 -27.54 -28.04
CA ASP C 24 11.76 -27.18 -29.39
C ASP C 24 11.60 -25.65 -29.49
N ILE C 25 11.42 -25.00 -28.34
CA ILE C 25 11.13 -23.59 -28.24
C ILE C 25 12.28 -22.77 -28.84
N TRP C 26 13.52 -23.21 -28.56
CA TRP C 26 14.71 -22.41 -28.83
C TRP C 26 14.94 -22.20 -30.32
N ALA C 27 14.33 -23.04 -31.16
CA ALA C 27 14.60 -23.05 -32.59
C ALA C 27 13.65 -22.13 -33.34
N LEU C 28 12.70 -21.52 -32.61
CA LEU C 28 11.69 -20.66 -33.22
C LEU C 28 12.30 -19.31 -33.57
N GLN C 29 12.22 -18.98 -34.86
CA GLN C 29 12.70 -17.71 -35.39
C GLN C 29 11.61 -17.09 -36.25
N GLY C 30 11.84 -15.84 -36.69
CA GLY C 30 10.86 -15.10 -37.48
C GLY C 30 10.31 -13.90 -36.71
N LYS C 31 9.76 -12.95 -37.47
CA LYS C 31 9.37 -11.63 -36.96
C LYS C 31 8.31 -11.75 -35.87
N SER C 32 7.35 -12.66 -36.07
CA SER C 32 6.17 -12.73 -35.22
C SER C 32 6.48 -13.41 -33.88
N THR C 33 7.68 -13.98 -33.77
CA THR C 33 8.12 -14.64 -32.54
C THR C 33 9.24 -13.83 -31.89
N GLU C 34 9.87 -12.95 -32.67
CA GLU C 34 10.89 -12.04 -32.18
C GLU C 34 10.23 -11.01 -31.26
N THR C 35 9.03 -10.57 -31.64
CA THR C 35 8.33 -9.49 -30.96
C THR C 35 7.33 -10.05 -29.96
N ASN C 36 7.42 -11.36 -29.69
CA ASN C 36 6.44 -12.07 -28.89
C ASN C 36 6.93 -12.18 -27.46
N PRO C 37 6.35 -11.40 -26.52
CA PRO C 37 6.73 -11.47 -25.10
C PRO C 37 6.43 -12.82 -24.45
N LEU C 38 5.37 -13.48 -24.91
CA LEU C 38 4.93 -14.74 -24.34
C LEU C 38 5.84 -15.88 -24.81
N TYR C 39 6.57 -15.65 -25.91
CA TYR C 39 7.54 -16.61 -26.38
C TYR C 39 8.74 -16.63 -25.43
N TRP C 40 9.25 -15.43 -25.12
CA TRP C 40 10.46 -15.28 -24.34
C TRP C 40 10.21 -15.68 -22.89
N LEU C 41 8.99 -15.43 -22.40
CA LEU C 41 8.63 -15.76 -21.04
C LEU C 41 8.56 -17.28 -20.89
N ARG C 42 8.11 -17.96 -21.96
CA ARG C 42 8.08 -19.41 -22.00
C ARG C 42 9.50 -19.96 -22.00
N ALA C 43 10.37 -19.33 -22.82
CA ALA C 43 11.76 -19.73 -22.97
C ALA C 43 12.49 -19.60 -21.64
N MET C 44 12.13 -18.58 -20.85
CA MET C 44 12.74 -18.33 -19.56
C MET C 44 12.25 -19.35 -18.54
N ASP C 45 11.15 -20.04 -18.86
CA ASP C 45 10.59 -21.06 -17.99
C ASP C 45 11.22 -22.42 -18.33
N CYS C 46 11.61 -22.60 -19.60
CA CYS C 46 12.26 -23.82 -20.04
C CYS C 46 13.78 -23.70 -19.85
N ALA C 47 14.18 -22.76 -18.98
CA ALA C 47 15.57 -22.54 -18.65
C ALA C 47 15.77 -22.66 -17.14
N ASP C 48 14.73 -22.32 -16.38
CA ASP C 48 14.75 -22.38 -14.93
C ASP C 48 14.53 -23.82 -14.46
N ARG C 49 14.39 -24.73 -15.42
CA ARG C 49 14.16 -26.14 -15.13
C ARG C 49 15.48 -26.90 -15.17
N LEU C 50 16.41 -26.42 -16.01
CA LEU C 50 17.67 -27.10 -16.28
C LEU C 50 18.71 -26.73 -15.23
N MET C 51 19.77 -27.55 -15.17
CA MET C 51 20.90 -27.34 -14.27
C MET C 51 22.16 -27.04 -15.09
N PRO C 52 23.24 -26.49 -14.46
CA PRO C 52 24.38 -25.95 -15.20
C PRO C 52 24.88 -26.65 -16.45
N ALA C 53 25.03 -27.99 -16.38
CA ALA C 53 25.58 -28.75 -17.50
C ALA C 53 24.54 -28.88 -18.61
N GLN C 54 23.27 -28.92 -18.22
CA GLN C 54 22.15 -29.06 -19.16
C GLN C 54 22.04 -27.79 -20.00
N SER C 55 22.26 -26.63 -19.35
CA SER C 55 22.11 -25.32 -19.96
C SER C 55 23.16 -25.10 -21.05
N ARG C 56 24.42 -25.39 -20.72
CA ARG C 56 25.56 -25.10 -21.59
C ARG C 56 25.43 -25.86 -22.90
N GLN C 57 24.67 -26.97 -22.87
CA GLN C 57 24.53 -27.86 -24.00
C GLN C 57 23.76 -27.18 -25.12
N GLN C 58 22.61 -26.56 -24.77
CA GLN C 58 21.72 -25.96 -25.75
C GLN C 58 22.30 -24.64 -26.27
N ALA C 59 23.08 -23.97 -25.42
CA ALA C 59 23.63 -22.65 -25.70
C ALA C 59 24.60 -22.71 -26.88
N ARG C 60 25.25 -23.86 -27.05
CA ARG C 60 26.22 -24.10 -28.11
C ARG C 60 25.56 -23.91 -29.48
N GLN C 61 24.29 -24.30 -29.58
CA GLN C 61 23.57 -24.33 -30.84
C GLN C 61 23.46 -22.94 -31.44
N TYR C 62 23.09 -21.96 -30.62
CA TYR C 62 22.72 -20.64 -31.11
C TYR C 62 23.83 -19.63 -30.78
N ASP C 63 24.64 -19.32 -31.79
CA ASP C 63 25.75 -18.38 -31.65
C ASP C 63 26.16 -17.89 -33.03
N ASP C 64 25.41 -16.90 -33.54
CA ASP C 64 25.74 -16.26 -34.80
C ASP C 64 26.06 -14.78 -34.58
N GLY C 65 25.45 -14.20 -33.53
CA GLY C 65 25.76 -12.85 -33.11
C GLY C 65 24.60 -11.88 -33.26
N SER C 66 23.43 -12.39 -33.66
CA SER C 66 22.22 -11.60 -33.76
C SER C 66 21.62 -11.42 -32.37
N TRP C 67 20.86 -10.33 -32.19
CA TRP C 67 20.30 -10.00 -30.88
C TRP C 67 19.41 -11.13 -30.38
N GLN C 68 18.75 -11.83 -31.31
CA GLN C 68 17.83 -12.92 -31.00
C GLN C 68 18.58 -14.07 -30.35
N ASN C 69 19.77 -14.38 -30.89
CA ASN C 69 20.57 -15.51 -30.44
C ASN C 69 21.36 -15.14 -29.20
N THR C 70 21.76 -13.86 -29.10
CA THR C 70 22.54 -13.37 -27.98
C THR C 70 21.65 -13.37 -26.72
N PHE C 71 20.36 -13.13 -26.93
CA PHE C 71 19.39 -13.12 -25.85
C PHE C 71 19.08 -14.55 -25.41
N LYS C 72 19.10 -15.48 -26.37
CA LYS C 72 18.92 -16.90 -26.09
C LYS C 72 20.04 -17.38 -25.17
N GLN C 73 21.30 -17.15 -25.59
CA GLN C 73 22.47 -17.52 -24.81
C GLN C 73 22.36 -16.94 -23.40
N GLY C 74 21.92 -15.68 -23.32
CA GLY C 74 21.80 -14.97 -22.06
C GLY C 74 20.89 -15.71 -21.07
N ILE C 75 19.71 -16.11 -21.55
CA ILE C 75 18.68 -16.73 -20.73
C ILE C 75 19.18 -18.08 -20.23
N LEU C 76 19.91 -18.80 -21.09
CA LEU C 76 20.40 -20.14 -20.77
C LEU C 76 21.53 -20.06 -19.75
N LEU C 77 22.60 -19.32 -20.10
CA LEU C 77 23.86 -19.38 -19.38
C LEU C 77 23.77 -18.65 -18.04
N ALA C 78 22.64 -17.98 -17.79
CA ALA C 78 22.41 -17.29 -16.53
C ALA C 78 22.37 -18.31 -15.39
N ASP C 79 21.86 -19.51 -15.69
CA ASP C 79 21.83 -20.62 -14.75
C ASP C 79 22.71 -21.75 -15.27
N ALA C 80 24.02 -21.49 -15.32
CA ALA C 80 25.00 -22.44 -15.83
C ALA C 80 26.28 -22.38 -15.01
N LYS C 81 26.21 -21.72 -13.85
CA LYS C 81 27.36 -21.51 -12.97
C LYS C 81 28.53 -20.96 -13.78
N ILE C 82 28.35 -19.72 -14.28
CA ILE C 82 29.37 -19.06 -15.08
C ILE C 82 30.21 -18.16 -14.17
N THR C 83 31.45 -17.92 -14.60
CA THR C 83 32.38 -17.06 -13.89
C THR C 83 31.90 -15.61 -13.95
N PRO C 84 32.04 -14.82 -12.85
CA PRO C 84 31.62 -13.42 -12.85
C PRO C 84 32.24 -12.59 -13.98
N TYR C 85 33.34 -13.10 -14.55
CA TYR C 85 34.01 -12.49 -15.68
C TYR C 85 33.22 -12.76 -16.96
N GLU C 86 32.71 -14.00 -17.08
CA GLU C 86 31.94 -14.44 -18.23
C GLU C 86 30.52 -13.88 -18.16
N ARG C 87 30.13 -13.43 -16.95
CA ARG C 87 28.81 -12.87 -16.70
C ARG C 87 28.72 -11.48 -17.32
N ARG C 88 29.70 -10.63 -17.02
CA ARG C 88 29.80 -9.30 -17.60
C ARG C 88 30.02 -9.42 -19.11
N GLN C 89 30.79 -10.44 -19.51
CA GLN C 89 31.14 -10.71 -20.90
C GLN C 89 29.88 -11.06 -21.69
N LEU C 90 28.88 -11.61 -21.00
CA LEU C 90 27.63 -12.03 -21.61
C LEU C 90 26.63 -10.88 -21.60
N VAL C 91 26.58 -10.17 -20.46
CA VAL C 91 25.63 -9.08 -20.22
C VAL C 91 25.91 -7.93 -21.18
N ALA C 92 27.19 -7.69 -21.47
CA ALA C 92 27.61 -6.61 -22.35
C ALA C 92 27.26 -6.93 -23.80
N ARG C 93 27.39 -8.21 -24.17
CA ARG C 93 27.21 -8.67 -25.53
C ARG C 93 25.79 -8.41 -26.01
N ILE C 94 24.84 -8.42 -25.06
CA ILE C 94 23.43 -8.21 -25.38
C ILE C 94 23.07 -6.73 -25.21
N GLU C 95 23.64 -6.09 -24.19
CA GLU C 95 23.39 -4.68 -23.92
C GLU C 95 23.88 -3.83 -25.08
N ALA C 96 24.92 -4.31 -25.78
CA ALA C 96 25.48 -3.63 -26.93
C ALA C 96 24.48 -3.63 -28.08
N LEU C 97 23.65 -4.67 -28.14
CA LEU C 97 22.66 -4.83 -29.20
C LEU C 97 21.25 -4.69 -28.60
N SER C 98 21.12 -3.87 -27.54
CA SER C 98 19.90 -3.82 -26.76
C SER C 98 18.82 -2.97 -27.43
N THR C 99 19.23 -2.12 -28.38
CA THR C 99 18.32 -1.21 -29.05
C THR C 99 17.46 -1.95 -30.07
N GLU C 100 17.95 -3.13 -30.50
CA GLU C 100 17.31 -3.90 -31.56
C GLU C 100 16.13 -4.69 -31.00
N ILE C 101 16.01 -4.71 -29.66
CA ILE C 101 14.95 -5.43 -28.98
C ILE C 101 13.64 -4.68 -29.15
N PRO C 102 12.57 -5.36 -29.61
CA PRO C 102 11.26 -4.73 -29.79
C PRO C 102 10.63 -4.26 -28.47
N ALA C 103 9.69 -3.32 -28.59
CA ALA C 103 9.17 -2.54 -27.48
C ALA C 103 8.28 -3.41 -26.58
N GLN C 104 7.65 -4.44 -27.14
CA GLN C 104 6.74 -5.30 -26.40
C GLN C 104 7.54 -6.20 -25.47
N VAL C 105 8.81 -6.41 -25.82
CA VAL C 105 9.70 -7.34 -25.15
C VAL C 105 10.61 -6.58 -24.19
N ARG C 106 10.69 -5.25 -24.38
CA ARG C 106 11.50 -4.36 -23.55
C ARG C 106 11.26 -4.63 -22.07
N PRO C 107 10.01 -4.57 -21.56
CA PRO C 107 9.74 -4.75 -20.14
C PRO C 107 10.29 -6.06 -19.59
N LEU C 108 10.26 -7.11 -20.43
CA LEU C 108 10.72 -8.44 -20.05
C LEU C 108 12.24 -8.49 -20.07
N TYR C 109 12.85 -7.89 -21.10
CA TYR C 109 14.29 -7.88 -21.25
C TYR C 109 14.94 -7.08 -20.12
N GLN C 110 14.30 -5.95 -19.76
CA GLN C 110 14.80 -5.08 -18.70
C GLN C 110 14.81 -5.83 -17.38
N LEU C 111 13.73 -6.55 -17.10
CA LEU C 111 13.60 -7.34 -15.87
C LEU C 111 14.71 -8.38 -15.80
N TRP C 112 14.94 -9.09 -16.91
CA TRP C 112 15.92 -10.15 -16.94
C TRP C 112 17.33 -9.60 -16.73
N ARG C 113 17.61 -8.46 -17.37
CA ARG C 113 18.93 -7.84 -17.34
C ARG C 113 19.20 -7.25 -15.96
N ASP C 114 18.17 -6.60 -15.38
CA ASP C 114 18.24 -6.05 -14.04
C ASP C 114 18.57 -7.14 -13.04
N GLY C 115 18.06 -8.35 -13.28
CA GLY C 115 18.36 -9.51 -12.47
C GLY C 115 19.84 -9.89 -12.53
N GLN C 116 20.42 -9.84 -13.73
CA GLN C 116 21.79 -10.25 -13.97
C GLN C 116 22.76 -9.21 -13.43
N ALA C 117 22.37 -7.94 -13.52
CA ALA C 117 23.20 -6.83 -13.07
C ALA C 117 23.32 -6.84 -11.55
N LEU C 118 22.25 -7.29 -10.88
CA LEU C 118 22.21 -7.37 -9.42
C LEU C 118 23.10 -8.52 -8.93
N GLN C 119 23.13 -9.61 -9.71
CA GLN C 119 23.95 -10.77 -9.37
C GLN C 119 25.43 -10.41 -9.48
N LEU C 120 25.76 -9.53 -10.42
CA LEU C 120 27.13 -9.08 -10.61
C LEU C 120 27.54 -8.14 -9.48
N GLN C 121 26.63 -7.23 -9.11
CA GLN C 121 26.86 -6.32 -8.00
C GLN C 121 27.11 -7.13 -6.72
N LEU C 122 26.33 -8.19 -6.54
CA LEU C 122 26.36 -9.01 -5.34
C LEU C 122 27.73 -9.66 -5.20
N ALA C 123 28.24 -10.24 -6.30
CA ALA C 123 29.52 -10.92 -6.31
C ALA C 123 30.67 -9.92 -6.20
N GLU C 124 30.40 -8.66 -6.58
CA GLU C 124 31.38 -7.59 -6.51
C GLU C 124 31.18 -6.78 -5.24
N GLU C 125 30.22 -7.20 -4.40
CA GLU C 125 29.98 -6.57 -3.12
C GLU C 125 30.48 -7.50 -2.01
N ARG C 126 30.32 -8.81 -2.25
CA ARG C 126 30.91 -9.85 -1.40
C ARG C 126 32.43 -9.77 -1.51
N GLN C 127 32.91 -9.28 -2.67
CA GLN C 127 34.32 -9.19 -2.99
C GLN C 127 34.94 -8.00 -2.25
N ARG C 128 34.18 -6.90 -2.16
CA ARG C 128 34.60 -5.69 -1.47
C ARG C 128 34.71 -5.98 0.03
N TYR C 129 33.77 -6.80 0.53
CA TYR C 129 33.69 -7.17 1.95
C TYR C 129 34.92 -7.96 2.35
N SER C 130 35.35 -8.87 1.46
CA SER C 130 36.52 -9.71 1.67
C SER C 130 37.78 -8.85 1.77
N LYS C 131 37.78 -7.72 1.06
CA LYS C 131 38.95 -6.85 0.98
C LYS C 131 39.00 -5.93 2.19
N LEU C 132 37.87 -5.82 2.90
CA LEU C 132 37.79 -5.02 4.12
C LEU C 132 38.03 -5.93 5.33
N GLN C 133 37.63 -7.19 5.21
CA GLN C 133 37.82 -8.19 6.25
C GLN C 133 39.31 -8.50 6.39
N GLN C 134 40.08 -8.17 5.33
CA GLN C 134 41.52 -8.31 5.31
C GLN C 134 42.15 -6.98 5.72
N SER C 135 41.55 -5.88 5.24
CA SER C 135 42.06 -4.53 5.46
C SER C 135 41.98 -4.17 6.94
N SER C 136 40.84 -4.50 7.58
CA SER C 136 40.62 -4.17 8.97
C SER C 136 41.52 -5.02 9.87
N ASP C 137 41.67 -6.30 9.53
CA ASP C 137 42.34 -7.28 10.38
C ASP C 137 43.84 -6.98 10.47
N SER C 138 44.46 -6.66 9.33
CA SER C 138 45.90 -6.45 9.28
C SER C 138 46.27 -5.05 9.77
N GLU C 139 45.37 -4.09 9.54
CA GLU C 139 45.61 -2.70 9.90
C GLU C 139 45.31 -2.49 11.39
N LEU C 140 44.72 -3.51 12.02
CA LEU C 140 44.51 -3.50 13.46
C LEU C 140 45.73 -4.11 14.16
N ASP C 141 46.19 -5.26 13.63
CA ASP C 141 47.28 -6.01 14.25
C ASP C 141 48.59 -5.22 14.16
N THR C 142 48.62 -4.24 13.25
CA THR C 142 49.73 -3.30 13.17
C THR C 142 49.67 -2.36 14.39
N LEU C 143 48.47 -1.86 14.69
CA LEU C 143 48.26 -0.91 15.78
C LEU C 143 48.18 -1.64 17.11
N ARG C 144 48.04 -2.97 17.07
CA ARG C 144 48.05 -3.79 18.27
C ARG C 144 49.50 -4.09 18.67
N GLN C 145 50.36 -4.23 17.66
CA GLN C 145 51.78 -4.54 17.86
C GLN C 145 52.52 -3.27 18.25
N GLN C 146 52.13 -2.15 17.65
CA GLN C 146 52.74 -0.85 17.94
C GLN C 146 52.42 -0.42 19.37
N HIS C 147 51.25 -0.84 19.86
CA HIS C 147 50.80 -0.55 21.22
C HIS C 147 51.51 -1.45 22.21
N HIS C 148 51.99 -2.61 21.71
CA HIS C 148 52.75 -3.54 22.51
C HIS C 148 54.16 -3.02 22.73
N VAL C 149 54.71 -2.40 21.68
CA VAL C 149 56.07 -1.89 21.65
C VAL C 149 56.18 -0.68 22.58
N LEU C 150 55.23 0.26 22.45
CA LEU C 150 55.18 1.46 23.28
C LEU C 150 55.02 1.06 24.75
N GLN C 151 54.19 0.04 25.01
CA GLN C 151 53.88 -0.39 26.36
C GLN C 151 55.16 -0.89 27.05
N GLN C 152 56.02 -1.58 26.29
CA GLN C 152 57.26 -2.12 26.78
C GLN C 152 58.31 -1.00 26.89
N GLN C 153 58.40 -0.19 25.83
CA GLN C 153 59.30 0.96 25.77
C GLN C 153 59.07 1.86 26.99
N LEU C 154 57.79 2.09 27.32
CA LEU C 154 57.44 2.96 28.44
C LEU C 154 57.91 2.32 29.74
N GLU C 155 57.57 1.04 29.94
CA GLU C 155 57.84 0.34 31.19
C GLU C 155 59.33 0.40 31.50
N LEU C 156 60.16 0.14 30.50
CA LEU C 156 61.60 0.13 30.66
C LEU C 156 62.10 1.54 30.99
N THR C 157 61.51 2.55 30.34
CA THR C 157 61.89 3.95 30.50
C THR C 157 61.44 4.45 31.88
N THR C 158 60.27 3.96 32.32
CA THR C 158 59.74 4.26 33.65
C THR C 158 60.70 3.76 34.71
N ARG C 159 61.16 2.51 34.56
CA ARG C 159 61.97 1.86 35.58
C ARG C 159 63.33 2.53 35.67
N LYS C 160 63.82 3.03 34.53
CA LYS C 160 65.09 3.74 34.47
C LYS C 160 65.00 5.00 35.34
N LEU C 161 63.92 5.76 35.16
CA LEU C 161 63.69 7.00 35.89
C LEU C 161 63.55 6.68 37.38
N GLU C 162 62.76 5.65 37.70
CA GLU C 162 62.59 5.18 39.07
C GLU C 162 63.95 4.92 39.70
N ASN C 163 64.83 4.24 38.95
CA ASN C 163 66.11 3.79 39.45
C ASN C 163 67.08 4.95 39.61
N LEU C 164 67.15 5.83 38.60
CA LEU C 164 68.09 6.93 38.57
C LEU C 164 67.68 7.99 39.60
N THR C 165 66.36 8.21 39.74
CA THR C 165 65.81 9.16 40.68
C THR C 165 66.12 8.72 42.12
N ASP C 166 65.95 7.42 42.39
CA ASP C 166 66.13 6.88 43.73
C ASP C 166 67.60 6.97 44.15
N ILE C 167 68.49 7.10 43.17
CA ILE C 167 69.92 7.20 43.44
C ILE C 167 70.28 8.66 43.72
N GLU C 168 69.88 9.55 42.81
CA GLU C 168 70.19 10.98 42.89
C GLU C 168 69.56 11.58 44.15
N ARG C 169 68.40 11.03 44.56
CA ARG C 169 67.67 11.50 45.73
C ARG C 169 68.47 11.23 47.00
N GLN C 170 68.76 9.94 47.25
CA GLN C 170 69.32 9.50 48.52
C GLN C 170 70.79 9.88 48.62
N LEU C 171 71.34 10.45 47.54
CA LEU C 171 72.69 11.01 47.56
C LEU C 171 72.66 12.39 48.21
N SER C 172 71.46 12.98 48.30
CA SER C 172 71.24 14.21 49.05
C SER C 172 71.10 13.90 50.53
N THR C 173 71.03 12.60 50.85
CA THR C 173 70.87 12.08 52.21
C THR C 173 69.46 12.37 52.72
N CYS D 22 -1.55 4.24 -19.54
CA CYS D 22 -0.91 3.85 -18.26
C CYS D 22 -1.76 4.30 -17.08
N SER D 23 -2.66 5.25 -17.32
CA SER D 23 -3.48 5.83 -16.26
C SER D 23 -4.57 4.85 -15.82
N ASP D 24 -4.98 3.96 -16.73
CA ASP D 24 -6.10 3.07 -16.50
C ASP D 24 -5.62 1.70 -16.02
N ILE D 25 -4.37 1.36 -16.36
CA ILE D 25 -3.88 -0.01 -16.27
C ILE D 25 -4.14 -0.60 -14.88
N TRP D 26 -4.07 0.24 -13.85
CA TRP D 26 -4.15 -0.23 -12.48
C TRP D 26 -5.60 -0.54 -12.10
N ALA D 27 -6.54 0.14 -12.76
CA ALA D 27 -7.96 0.01 -12.45
C ALA D 27 -8.53 -1.30 -12.99
N LEU D 28 -7.88 -1.83 -14.05
CA LEU D 28 -8.32 -3.03 -14.73
C LEU D 28 -8.45 -4.18 -13.73
N GLN D 29 -9.60 -4.86 -13.77
CA GLN D 29 -9.88 -6.02 -12.94
C GLN D 29 -10.49 -7.11 -13.81
N GLY D 30 -10.72 -8.29 -13.22
CA GLY D 30 -11.42 -9.38 -13.89
C GLY D 30 -10.50 -10.56 -14.17
N LYS D 31 -11.12 -11.73 -14.39
CA LYS D 31 -10.43 -12.99 -14.59
C LYS D 31 -9.56 -12.94 -15.85
N SER D 32 -10.06 -12.28 -16.90
CA SER D 32 -9.43 -12.29 -18.21
C SER D 32 -8.10 -11.53 -18.20
N THR D 33 -7.98 -10.57 -17.28
CA THR D 33 -6.78 -9.74 -17.22
C THR D 33 -5.80 -10.27 -16.17
N GLU D 34 -6.34 -10.79 -15.05
CA GLU D 34 -5.55 -11.33 -13.95
C GLU D 34 -4.63 -12.45 -14.44
N THR D 35 -5.10 -13.21 -15.43
CA THR D 35 -4.42 -14.42 -15.87
C THR D 35 -3.54 -14.13 -17.08
N ASN D 36 -3.55 -12.87 -17.53
CA ASN D 36 -2.81 -12.46 -18.73
C ASN D 36 -1.43 -11.93 -18.32
N PRO D 37 -0.34 -12.59 -18.71
CA PRO D 37 1.01 -12.11 -18.41
C PRO D 37 1.30 -10.75 -19.04
N LEU D 38 0.62 -10.47 -20.15
CA LEU D 38 0.81 -9.22 -20.87
C LEU D 38 0.30 -8.05 -20.03
N TYR D 39 -0.73 -8.30 -19.20
CA TYR D 39 -1.28 -7.27 -18.33
C TYR D 39 -0.21 -6.80 -17.35
N TRP D 40 0.38 -7.76 -16.62
CA TRP D 40 1.34 -7.47 -15.57
C TRP D 40 2.64 -6.92 -16.17
N LEU D 41 3.02 -7.44 -17.35
CA LEU D 41 4.21 -7.00 -18.04
C LEU D 41 4.04 -5.55 -18.49
N ARG D 42 2.80 -5.19 -18.82
CA ARG D 42 2.44 -3.84 -19.23
C ARG D 42 2.48 -2.91 -18.02
N ALA D 43 1.97 -3.40 -16.88
CA ALA D 43 1.92 -2.66 -15.63
C ALA D 43 3.33 -2.37 -15.11
N MET D 44 4.26 -3.27 -15.42
CA MET D 44 5.65 -3.12 -15.00
C MET D 44 6.34 -2.06 -15.86
N ASP D 45 5.83 -1.86 -17.08
CA ASP D 45 6.36 -0.85 -17.98
C ASP D 45 5.84 0.52 -17.57
N CYS D 46 4.60 0.55 -17.06
CA CYS D 46 3.95 1.78 -16.62
C CYS D 46 4.54 2.25 -15.30
N ALA D 47 4.81 1.28 -14.41
CA ALA D 47 5.40 1.58 -13.11
C ALA D 47 6.76 2.25 -13.30
N ASP D 48 7.43 1.89 -14.41
CA ASP D 48 8.72 2.44 -14.77
C ASP D 48 8.58 3.92 -15.09
N ARG D 49 7.38 4.33 -15.51
CA ARG D 49 7.13 5.67 -16.01
C ARG D 49 6.87 6.63 -14.85
N LEU D 50 6.43 6.08 -13.71
CA LEU D 50 6.00 6.91 -12.59
C LEU D 50 7.19 7.35 -11.75
N MET D 51 6.94 8.35 -10.89
CA MET D 51 7.91 8.89 -9.95
C MET D 51 7.64 8.32 -8.56
N PRO D 52 8.67 8.21 -7.69
CA PRO D 52 8.54 7.55 -6.38
C PRO D 52 7.32 7.91 -5.56
N ALA D 53 6.99 9.21 -5.50
CA ALA D 53 5.89 9.69 -4.67
C ALA D 53 4.56 9.41 -5.34
N GLN D 54 4.55 9.43 -6.68
CA GLN D 54 3.37 9.11 -7.48
C GLN D 54 2.99 7.65 -7.26
N SER D 55 3.97 6.76 -7.44
CA SER D 55 3.81 5.33 -7.26
C SER D 55 3.23 5.04 -5.89
N ARG D 56 3.75 5.73 -4.87
CA ARG D 56 3.32 5.56 -3.50
C ARG D 56 1.84 5.94 -3.37
N GLN D 57 1.46 7.07 -3.95
CA GLN D 57 0.09 7.56 -3.88
C GLN D 57 -0.84 6.57 -4.58
N GLN D 58 -0.37 6.06 -5.72
CA GLN D 58 -1.08 5.05 -6.51
C GLN D 58 -1.25 3.78 -5.68
N ALA D 59 -0.16 3.35 -5.04
CA ALA D 59 -0.07 2.09 -4.32
C ALA D 59 -1.04 2.08 -3.14
N ARG D 60 -1.31 3.26 -2.58
CA ARG D 60 -2.16 3.39 -1.40
C ARG D 60 -3.59 2.97 -1.73
N GLN D 61 -3.92 2.94 -3.02
CA GLN D 61 -5.27 2.59 -3.47
C GLN D 61 -5.53 1.10 -3.32
N TYR D 62 -4.48 0.29 -3.51
CA TYR D 62 -4.63 -1.15 -3.61
C TYR D 62 -4.24 -1.81 -2.29
N ASP D 63 -5.03 -1.49 -1.25
CA ASP D 63 -4.69 -1.73 0.14
C ASP D 63 -5.28 -3.06 0.63
N ASP D 64 -6.28 -3.58 -0.09
CA ASP D 64 -6.93 -4.81 0.34
C ASP D 64 -5.96 -5.99 0.16
N GLY D 65 -6.34 -7.15 0.71
CA GLY D 65 -5.41 -8.25 0.93
C GLY D 65 -5.37 -9.26 -0.22
N SER D 66 -6.06 -8.96 -1.32
CA SER D 66 -6.11 -9.88 -2.46
C SER D 66 -4.79 -9.82 -3.23
N TRP D 67 -4.42 -10.95 -3.85
CA TRP D 67 -3.13 -11.12 -4.48
C TRP D 67 -2.93 -10.11 -5.62
N GLN D 68 -4.04 -9.78 -6.31
CA GLN D 68 -4.01 -8.85 -7.42
C GLN D 68 -3.46 -7.51 -6.95
N ASN D 69 -3.99 -7.02 -5.82
CA ASN D 69 -3.65 -5.72 -5.29
C ASN D 69 -2.23 -5.73 -4.74
N THR D 70 -1.89 -6.80 -4.02
CA THR D 70 -0.60 -6.94 -3.36
C THR D 70 0.51 -6.93 -4.41
N PHE D 71 0.25 -7.55 -5.55
CA PHE D 71 1.19 -7.62 -6.66
C PHE D 71 1.27 -6.27 -7.36
N LYS D 72 0.14 -5.56 -7.44
CA LYS D 72 0.09 -4.23 -8.03
C LYS D 72 0.93 -3.26 -7.19
N GLN D 73 0.67 -3.24 -5.89
CA GLN D 73 1.46 -2.48 -4.93
C GLN D 73 2.94 -2.80 -5.13
N GLY D 74 3.26 -4.10 -5.07
CA GLY D 74 4.63 -4.57 -5.21
C GLY D 74 5.31 -3.93 -6.42
N ILE D 75 4.63 -3.96 -7.56
CA ILE D 75 5.16 -3.46 -8.82
C ILE D 75 5.39 -1.95 -8.71
N LEU D 76 4.40 -1.25 -8.15
CA LEU D 76 4.43 0.19 -7.98
C LEU D 76 5.58 0.59 -7.06
N LEU D 77 5.65 -0.05 -5.89
CA LEU D 77 6.55 0.36 -4.82
C LEU D 77 7.97 -0.14 -5.09
N ALA D 78 8.12 -1.08 -6.03
CA ALA D 78 9.42 -1.67 -6.34
C ALA D 78 10.48 -0.57 -6.45
N ASP D 79 10.23 0.42 -7.31
CA ASP D 79 11.22 1.44 -7.64
C ASP D 79 10.74 2.80 -7.15
N ALA D 80 9.96 2.80 -6.06
CA ALA D 80 9.45 4.03 -5.47
C ALA D 80 10.38 4.54 -4.38
N LYS D 81 11.68 4.23 -4.54
CA LYS D 81 12.76 4.65 -3.64
C LYS D 81 12.39 4.32 -2.19
N ILE D 82 12.11 3.05 -1.94
CA ILE D 82 11.69 2.57 -0.63
C ILE D 82 12.92 2.08 0.14
N THR D 83 12.80 2.09 1.47
CA THR D 83 13.85 1.62 2.36
C THR D 83 13.96 0.10 2.30
N PRO D 84 15.17 -0.48 2.49
CA PRO D 84 15.34 -1.94 2.44
C PRO D 84 14.36 -2.73 3.31
N TYR D 85 13.89 -2.12 4.41
CA TYR D 85 12.96 -2.78 5.31
C TYR D 85 11.55 -2.78 4.72
N GLU D 86 11.22 -1.72 3.97
CA GLU D 86 9.93 -1.59 3.31
C GLU D 86 9.82 -2.63 2.18
N ARG D 87 10.97 -3.03 1.64
CA ARG D 87 11.05 -3.97 0.54
C ARG D 87 10.80 -5.39 1.04
N ARG D 88 11.30 -5.70 2.24
CA ARG D 88 11.14 -7.03 2.82
C ARG D 88 9.67 -7.27 3.15
N GLN D 89 9.00 -6.23 3.67
CA GLN D 89 7.58 -6.29 3.98
C GLN D 89 6.77 -6.43 2.67
N LEU D 90 7.29 -5.83 1.61
CA LEU D 90 6.65 -5.78 0.30
C LEU D 90 6.67 -7.17 -0.34
N VAL D 91 7.81 -7.87 -0.19
CA VAL D 91 8.02 -9.20 -0.74
C VAL D 91 7.22 -10.21 0.06
N ALA D 92 7.26 -10.08 1.39
CA ALA D 92 6.65 -11.02 2.32
C ALA D 92 5.13 -11.10 2.09
N ARG D 93 4.51 -9.93 1.82
CA ARG D 93 3.06 -9.84 1.67
C ARG D 93 2.60 -10.62 0.45
N ILE D 94 3.41 -10.59 -0.63
CA ILE D 94 3.04 -11.25 -1.86
C ILE D 94 3.45 -12.73 -1.79
N GLU D 95 4.42 -13.04 -0.94
CA GLU D 95 4.86 -14.41 -0.72
C GLU D 95 3.77 -15.21 -0.03
N ALA D 96 2.96 -14.52 0.78
CA ALA D 96 1.90 -15.12 1.57
C ALA D 96 0.72 -15.50 0.68
N LEU D 97 0.68 -14.94 -0.53
CA LEU D 97 -0.43 -15.14 -1.44
C LEU D 97 0.08 -15.72 -2.77
N SER D 98 1.33 -16.20 -2.76
CA SER D 98 2.02 -16.63 -3.96
C SER D 98 1.31 -17.80 -4.63
N THR D 99 0.51 -18.54 -3.85
CA THR D 99 -0.14 -19.75 -4.32
C THR D 99 -1.38 -19.40 -5.14
N GLU D 100 -1.89 -18.18 -4.96
CA GLU D 100 -3.12 -17.75 -5.62
C GLU D 100 -2.81 -17.14 -7.00
N ILE D 101 -1.51 -17.01 -7.31
CA ILE D 101 -1.09 -16.51 -8.61
C ILE D 101 -1.39 -17.56 -9.67
N PRO D 102 -2.09 -17.19 -10.77
CA PRO D 102 -2.39 -18.12 -11.86
C PRO D 102 -1.14 -18.62 -12.58
N ALA D 103 -1.31 -19.71 -13.33
CA ALA D 103 -0.21 -20.52 -13.85
C ALA D 103 0.60 -19.77 -14.90
N GLN D 104 -0.08 -19.04 -15.79
CA GLN D 104 0.56 -18.32 -16.88
C GLN D 104 1.47 -17.23 -16.33
N VAL D 105 1.03 -16.61 -15.22
CA VAL D 105 1.64 -15.43 -14.66
C VAL D 105 2.83 -15.83 -13.78
N ARG D 106 2.77 -17.03 -13.19
CA ARG D 106 3.76 -17.51 -12.24
C ARG D 106 5.19 -17.24 -12.74
N PRO D 107 5.57 -17.62 -13.98
CA PRO D 107 6.92 -17.36 -14.48
C PRO D 107 7.33 -15.90 -14.41
N LEU D 108 6.40 -14.99 -14.70
CA LEU D 108 6.67 -13.56 -14.70
C LEU D 108 6.84 -13.07 -13.27
N TYR D 109 5.90 -13.43 -12.39
CA TYR D 109 5.99 -13.14 -10.97
C TYR D 109 7.33 -13.64 -10.44
N GLN D 110 7.68 -14.87 -10.82
CA GLN D 110 8.90 -15.54 -10.40
C GLN D 110 10.10 -14.62 -10.69
N LEU D 111 10.18 -14.15 -11.93
CA LEU D 111 11.31 -13.36 -12.40
C LEU D 111 11.33 -12.00 -11.67
N TRP D 112 10.14 -11.48 -11.37
CA TRP D 112 10.01 -10.25 -10.62
C TRP D 112 10.48 -10.46 -9.19
N ARG D 113 10.08 -11.60 -8.61
CA ARG D 113 10.35 -11.96 -7.22
C ARG D 113 11.84 -12.15 -7.01
N ASP D 114 12.50 -12.81 -7.98
CA ASP D 114 13.94 -13.03 -7.94
C ASP D 114 14.67 -11.70 -7.94
N GLY D 115 14.17 -10.75 -8.75
CA GLY D 115 14.74 -9.41 -8.83
C GLY D 115 14.70 -8.70 -7.48
N GLN D 116 13.55 -8.80 -6.80
CA GLN D 116 13.33 -8.14 -5.52
C GLN D 116 14.14 -8.84 -4.44
N ALA D 117 14.22 -10.18 -4.53
CA ALA D 117 14.96 -11.00 -3.59
C ALA D 117 16.44 -10.61 -3.60
N LEU D 118 16.94 -10.27 -4.80
CA LEU D 118 18.34 -9.96 -5.00
C LEU D 118 18.66 -8.58 -4.42
N GLN D 119 17.73 -7.63 -4.55
CA GLN D 119 17.90 -6.29 -4.02
C GLN D 119 17.92 -6.35 -2.49
N LEU D 120 17.13 -7.26 -1.94
CA LEU D 120 17.03 -7.49 -0.51
C LEU D 120 18.34 -8.08 0.00
N GLN D 121 18.95 -8.95 -0.82
CA GLN D 121 20.22 -9.59 -0.50
C GLN D 121 21.33 -8.54 -0.49
N LEU D 122 21.27 -7.62 -1.45
CA LEU D 122 22.31 -6.62 -1.67
C LEU D 122 22.30 -5.61 -0.53
N ALA D 123 21.11 -5.30 -0.02
CA ALA D 123 20.95 -4.33 1.06
C ALA D 123 21.43 -4.92 2.38
N GLU D 124 21.37 -6.25 2.49
CA GLU D 124 21.84 -6.96 3.67
C GLU D 124 23.36 -7.05 3.65
N GLU D 125 23.91 -7.36 2.46
CA GLU D 125 25.35 -7.48 2.26
C GLU D 125 26.01 -6.10 2.37
N ARG D 126 25.21 -5.05 2.12
CA ARG D 126 25.66 -3.67 2.22
C ARG D 126 25.65 -3.25 3.69
N GLN D 127 24.72 -3.84 4.46
CA GLN D 127 24.61 -3.60 5.89
C GLN D 127 25.76 -4.28 6.61
N ARG D 128 26.14 -5.47 6.14
CA ARG D 128 27.24 -6.24 6.70
C ARG D 128 28.56 -5.49 6.51
N TYR D 129 28.65 -4.75 5.40
CA TYR D 129 29.81 -3.91 5.12
C TYR D 129 29.83 -2.72 6.07
N SER D 130 28.65 -2.19 6.39
CA SER D 130 28.50 -1.03 7.25
C SER D 130 28.78 -1.38 8.70
N LYS D 131 28.37 -2.59 9.11
CA LYS D 131 28.59 -3.08 10.47
C LYS D 131 30.08 -3.26 10.72
N LEU D 132 30.78 -3.84 9.74
CA LEU D 132 32.21 -4.04 9.83
C LEU D 132 32.93 -2.70 9.71
N GLN D 133 32.34 -1.77 8.94
CA GLN D 133 32.88 -0.44 8.74
C GLN D 133 32.87 0.33 10.06
N GLN D 134 31.80 0.12 10.85
CA GLN D 134 31.57 0.90 12.05
C GLN D 134 32.33 0.30 13.24
N SER D 135 32.32 -1.04 13.35
CA SER D 135 32.85 -1.71 14.52
C SER D 135 34.37 -1.78 14.49
N SER D 136 34.95 -1.81 13.29
CA SER D 136 36.40 -1.89 13.14
C SER D 136 37.02 -0.49 13.24
N ASP D 137 36.31 0.51 12.74
CA ASP D 137 36.76 1.89 12.80
C ASP D 137 36.65 2.42 14.24
N SER D 138 35.80 1.78 15.04
CA SER D 138 35.63 2.12 16.43
C SER D 138 36.78 1.53 17.25
N GLU D 139 37.24 0.35 16.84
CA GLU D 139 38.35 -0.33 17.50
C GLU D 139 39.66 0.36 17.14
N LEU D 140 39.74 0.88 15.90
CA LEU D 140 40.91 1.58 15.41
C LEU D 140 41.05 2.93 16.09
N ASP D 141 39.95 3.46 16.63
CA ASP D 141 39.94 4.73 17.33
C ASP D 141 40.46 4.53 18.75
N THR D 142 39.93 3.50 19.43
CA THR D 142 40.28 3.19 20.81
C THR D 142 41.76 2.87 20.93
N LEU D 143 42.29 2.12 19.94
CA LEU D 143 43.68 1.69 19.95
C LEU D 143 44.60 2.85 19.56
N ARG D 144 44.09 3.81 18.79
CA ARG D 144 44.84 5.01 18.44
C ARG D 144 44.89 5.95 19.63
N GLN D 145 43.83 5.93 20.45
CA GLN D 145 43.71 6.77 21.62
C GLN D 145 44.73 6.34 22.66
N GLN D 146 44.83 5.01 22.87
CA GLN D 146 45.74 4.43 23.84
C GLN D 146 47.18 4.61 23.37
N HIS D 147 47.38 4.52 22.05
CA HIS D 147 48.69 4.66 21.43
C HIS D 147 49.18 6.09 21.55
N HIS D 148 48.23 7.04 21.65
CA HIS D 148 48.56 8.45 21.77
C HIS D 148 48.89 8.79 23.22
N VAL D 149 48.09 8.29 24.17
CA VAL D 149 48.26 8.55 25.58
C VAL D 149 49.66 8.10 26.01
N LEU D 150 50.06 6.89 25.59
CA LEU D 150 51.33 6.31 25.97
C LEU D 150 52.47 7.08 25.31
N GLN D 151 52.30 7.42 24.02
CA GLN D 151 53.33 8.09 23.25
C GLN D 151 53.58 9.49 23.83
N GLN D 152 52.54 10.04 24.48
CA GLN D 152 52.65 11.29 25.20
C GLN D 152 53.46 11.04 26.48
N GLN D 153 53.03 10.03 27.26
CA GLN D 153 53.57 9.74 28.57
C GLN D 153 55.05 9.35 28.49
N LEU D 154 55.40 8.58 27.45
CA LEU D 154 56.78 8.17 27.23
C LEU D 154 57.66 9.41 27.11
N GLU D 155 57.20 10.39 26.32
CA GLU D 155 57.95 11.62 26.07
C GLU D 155 58.05 12.46 27.33
N LEU D 156 57.06 12.33 28.23
CA LEU D 156 57.06 13.00 29.52
C LEU D 156 58.17 12.43 30.39
N THR D 157 58.44 11.13 30.21
CA THR D 157 59.44 10.41 30.97
C THR D 157 60.82 10.64 30.35
N THR D 158 60.86 10.88 29.04
CA THR D 158 62.09 11.19 28.33
C THR D 158 62.58 12.58 28.73
N ARG D 159 61.62 13.50 28.95
CA ARG D 159 61.94 14.86 29.37
C ARG D 159 62.56 14.84 30.76
N LYS D 160 61.96 14.06 31.68
CA LYS D 160 62.37 13.98 33.07
C LYS D 160 63.78 13.40 33.17
N LEU D 161 64.09 12.44 32.29
CA LEU D 161 65.40 11.80 32.27
C LEU D 161 66.46 12.78 31.76
N GLU D 162 66.08 13.60 30.78
CA GLU D 162 66.97 14.58 30.18
C GLU D 162 67.23 15.71 31.16
N ASN D 163 66.26 15.98 32.03
CA ASN D 163 66.34 17.03 33.03
C ASN D 163 67.42 16.68 34.06
N LEU D 164 67.46 15.42 34.49
CA LEU D 164 68.42 14.97 35.48
C LEU D 164 69.84 15.12 34.92
N THR D 165 70.12 14.46 33.79
CA THR D 165 71.41 14.57 33.12
C THR D 165 71.18 14.92 31.64
#